data_1DW1
#
_entry.id   1DW1
#
_cell.length_a   83.345
_cell.length_b   103.498
_cell.length_c   113.660
_cell.angle_alpha   90.00
_cell.angle_beta   90.00
_cell.angle_gamma   90.00
#
_symmetry.space_group_name_H-M   'I 2 2 2'
#
loop_
_entity.id
_entity.type
_entity.pdbx_description
1 polymer 'CYTOCHROME C'
2 non-polymer 'CYANIDE ION'
3 non-polymer 'HEME C'
4 water water
#
_entity_poly.entity_id   1
_entity_poly.type   'polypeptide(L)'
_entity_poly.pdbx_seq_one_letter_code
;GDTSPAQLIAGYEAAAGAPADAERGRALFLSTQTGGKPDTPSCTTCHGADVTRAGQTRTGKEIAPLAPSATPDRFTDSAR
VEKWLGRNCNSVIGRDCTPGEKADLLAWLAAQ
;
_entity_poly.pdbx_strand_id   A,B,C
#
# COMPACT_ATOMS: atom_id res chain seq x y z
N GLY A 1 16.04 54.56 7.54
CA GLY A 1 17.14 54.36 6.55
C GLY A 1 16.57 54.37 5.14
N ASP A 2 17.33 53.86 4.17
CA ASP A 2 16.88 53.78 2.79
C ASP A 2 16.19 52.44 2.52
N THR A 3 16.09 51.57 3.53
CA THR A 3 15.42 50.31 3.22
C THR A 3 14.83 49.73 4.48
N SER A 4 14.05 48.68 4.32
CA SER A 4 13.54 47.97 5.50
C SER A 4 14.28 46.66 5.55
N PRO A 5 14.29 45.98 6.69
CA PRO A 5 14.87 44.67 6.78
C PRO A 5 14.18 43.72 5.83
N ALA A 6 12.84 43.80 5.66
CA ALA A 6 12.15 42.88 4.76
C ALA A 6 12.59 43.10 3.28
N GLN A 7 12.78 44.37 2.92
CA GLN A 7 13.21 44.65 1.55
C GLN A 7 14.62 44.09 1.33
N LEU A 8 15.50 44.25 2.31
CA LEU A 8 16.84 43.65 2.18
C LEU A 8 16.81 42.15 2.02
N ILE A 9 16.05 41.51 2.93
CA ILE A 9 15.95 40.03 2.86
C ILE A 9 15.32 39.58 1.57
N ALA A 10 14.24 40.26 1.11
CA ALA A 10 13.62 39.90 -0.16
C ALA A 10 14.63 39.92 -1.43
N GLY A 11 15.44 40.97 -1.35
CA GLY A 11 16.47 41.16 -2.40
C GLY A 11 17.43 39.98 -2.40
N TYR A 12 17.93 39.57 -1.22
CA TYR A 12 18.81 38.42 -1.11
C TYR A 12 18.09 37.13 -1.48
N GLU A 13 16.81 36.99 -1.08
CA GLU A 13 16.09 35.77 -1.45
C GLU A 13 15.95 35.68 -2.97
N ALA A 14 15.70 36.80 -3.63
CA ALA A 14 15.57 36.78 -5.10
C ALA A 14 16.90 36.42 -5.82
N ALA A 15 18.01 36.90 -5.27
CA ALA A 15 19.33 36.61 -5.79
C ALA A 15 19.61 35.18 -5.48
N ALA A 16 19.23 34.62 -4.34
CA ALA A 16 19.50 33.22 -4.07
C ALA A 16 18.58 32.34 -4.73
N GLY A 17 17.36 32.69 -5.10
CA GLY A 17 16.39 31.81 -5.70
C GLY A 17 15.71 30.96 -4.61
N ALA A 18 15.61 31.40 -3.36
CA ALA A 18 15.00 30.62 -2.31
C ALA A 18 14.70 31.48 -1.11
N PRO A 19 13.67 31.18 -0.35
CA PRO A 19 13.27 31.93 0.82
C PRO A 19 14.32 31.76 1.91
N ALA A 20 14.39 32.75 2.79
CA ALA A 20 15.36 32.70 3.87
C ALA A 20 14.93 31.61 4.88
N ASP A 21 15.90 31.04 5.58
CA ASP A 21 15.63 30.04 6.62
C ASP A 21 16.35 30.52 7.86
N ALA A 22 15.63 31.05 8.84
CA ALA A 22 16.25 31.62 10.04
C ALA A 22 16.93 30.59 10.89
N GLU A 23 16.47 29.34 10.85
CA GLU A 23 17.19 28.27 11.60
C GLU A 23 18.44 28.06 10.97
N ARG A 24 18.66 28.04 9.65
CA ARG A 24 19.96 27.92 9.04
C ARG A 24 20.83 29.15 9.37
N GLY A 25 20.19 30.32 9.46
CA GLY A 25 20.94 31.55 9.77
C GLY A 25 21.53 31.44 11.19
N ARG A 26 20.70 31.00 12.12
CA ARG A 26 21.15 30.83 13.50
C ARG A 26 22.33 29.85 13.53
N ALA A 27 22.23 28.73 12.82
CA ALA A 27 23.27 27.72 12.84
C ALA A 27 24.44 28.27 12.23
N LEU A 28 24.49 29.00 11.13
CA LEU A 28 25.68 29.58 10.57
C LEU A 28 26.28 30.64 11.49
N PHE A 29 25.46 31.50 12.09
CA PHE A 29 25.97 32.54 12.97
C PHE A 29 26.72 31.95 14.18
N LEU A 30 26.15 30.92 14.81
CA LEU A 30 26.80 30.30 15.97
C LEU A 30 27.92 29.35 15.60
N SER A 31 28.10 29.01 14.34
CA SER A 31 29.09 28.03 13.95
C SER A 31 30.52 28.49 14.18
N THR A 32 31.39 27.48 14.32
CA THR A 32 32.81 27.72 14.42
C THR A 32 33.36 27.36 13.05
N GLN A 33 34.03 28.26 12.38
CA GLN A 33 34.55 27.98 11.06
C GLN A 33 36.05 27.80 11.10
N THR A 34 36.62 27.14 10.13
CA THR A 34 38.09 27.04 10.10
C THR A 34 38.59 27.60 8.87
N GLY A 35 37.90 28.12 7.88
CA GLY A 35 38.50 28.64 6.67
C GLY A 35 38.93 30.09 6.63
N GLY A 36 38.57 30.92 7.62
CA GLY A 36 38.95 32.32 7.57
C GLY A 36 40.14 32.71 8.42
N LYS A 37 40.15 33.92 8.96
CA LYS A 37 41.25 34.40 9.78
C LYS A 37 41.21 33.68 11.13
N PRO A 38 42.42 33.48 11.67
CA PRO A 38 42.60 32.75 12.91
C PRO A 38 41.90 33.40 14.08
N ASP A 39 42.02 34.72 14.26
CA ASP A 39 41.37 35.37 15.37
C ASP A 39 39.86 35.46 15.24
N THR A 40 39.19 35.07 14.16
CA THR A 40 37.73 35.24 14.12
C THR A 40 37.06 33.98 13.58
N PRO A 41 36.95 32.94 14.38
CA PRO A 41 36.42 31.66 13.96
C PRO A 41 34.91 31.61 13.86
N SER A 42 34.24 32.64 14.39
CA SER A 42 32.79 32.66 14.35
C SER A 42 32.26 34.07 14.30
N CYS A 43 31.00 34.22 13.84
CA CYS A 43 30.38 35.55 13.99
C CYS A 43 30.29 35.91 15.46
N THR A 44 30.13 34.87 16.34
CA THR A 44 29.99 35.11 17.76
C THR A 44 31.29 35.61 18.38
N THR A 45 32.42 35.46 17.74
CA THR A 45 33.69 35.94 18.34
C THR A 45 33.52 37.42 18.70
N CYS A 46 32.91 38.19 17.78
CA CYS A 46 32.70 39.59 18.12
C CYS A 46 31.31 39.89 18.62
N HIS A 47 30.27 39.28 18.05
CA HIS A 47 28.92 39.66 18.44
C HIS A 47 28.34 38.86 19.61
N GLY A 48 29.03 37.82 20.06
CA GLY A 48 28.50 36.99 21.15
C GLY A 48 27.45 36.01 20.65
N ALA A 49 27.03 35.09 21.55
CA ALA A 49 26.01 34.11 21.18
C ALA A 49 24.80 34.69 21.47
N ASP A 50 24.55 35.71 22.25
CA ASP A 50 23.22 36.29 22.45
C ASP A 50 23.35 37.70 21.86
N VAL A 51 22.70 37.93 20.73
CA VAL A 51 22.87 39.23 20.04
C VAL A 51 22.10 40.36 20.67
N THR A 52 21.36 40.11 21.76
CA THR A 52 20.70 41.18 22.50
C THR A 52 21.69 41.82 23.46
N ARG A 53 22.89 41.25 23.64
CA ARG A 53 23.90 41.85 24.48
C ARG A 53 24.99 42.50 23.63
N ALA A 54 25.75 43.43 24.20
CA ALA A 54 26.82 44.09 23.47
C ALA A 54 27.88 43.09 23.10
N GLY A 55 28.53 43.25 21.96
CA GLY A 55 29.64 42.41 21.52
C GLY A 55 30.93 43.18 21.84
N GLN A 56 32.05 42.70 21.33
CA GLN A 56 33.36 43.24 21.56
C GLN A 56 34.26 43.00 20.39
N THR A 57 35.07 44.00 20.01
CA THR A 57 36.03 43.82 18.95
C THR A 57 37.15 42.96 19.51
N ARG A 58 38.12 42.68 18.65
CA ARG A 58 39.27 41.85 19.01
C ARG A 58 40.25 42.58 19.90
N THR A 59 39.95 43.81 20.28
CA THR A 59 40.72 44.63 21.20
C THR A 59 39.93 44.95 22.43
N GLY A 60 38.66 44.51 22.45
CA GLY A 60 37.85 44.71 23.64
C GLY A 60 36.96 45.94 23.58
N LYS A 61 36.85 46.62 22.43
CA LYS A 61 35.94 47.76 22.38
C LYS A 61 34.52 47.22 22.22
N GLU A 62 33.58 47.86 22.87
CA GLU A 62 32.19 47.45 22.81
C GLU A 62 31.57 47.59 21.41
N ILE A 63 30.80 46.57 21.00
CA ILE A 63 30.07 46.63 19.73
C ILE A 63 28.60 46.68 20.13
N ALA A 64 27.83 47.62 19.61
CA ALA A 64 26.41 47.63 19.97
C ALA A 64 25.78 46.29 19.60
N PRO A 65 24.79 45.85 20.38
CA PRO A 65 24.06 44.62 20.12
C PRO A 65 23.56 44.58 18.69
N LEU A 66 23.62 43.42 18.05
CA LEU A 66 23.10 43.27 16.71
C LEU A 66 21.60 43.16 16.66
N ALA A 67 20.95 42.73 17.76
CA ALA A 67 19.51 42.55 17.72
C ALA A 67 18.75 43.86 17.55
N PRO A 68 17.83 43.93 16.60
CA PRO A 68 17.01 45.13 16.42
C PRO A 68 16.21 45.44 17.68
N SER A 69 15.89 44.45 18.51
CA SER A 69 15.20 44.70 19.77
C SER A 69 16.08 45.54 20.69
N ALA A 70 17.41 45.48 20.61
CA ALA A 70 18.27 46.30 21.43
C ALA A 70 18.72 47.35 20.67
N THR A 71 19.01 47.42 19.36
CA THR A 71 19.50 48.61 18.69
C THR A 71 18.63 48.85 17.46
N PRO A 72 17.76 49.86 17.54
CA PRO A 72 16.71 50.18 16.61
C PRO A 72 16.85 50.17 15.11
N ASP A 73 17.81 50.90 14.60
CA ASP A 73 18.04 51.09 13.18
C ASP A 73 18.80 49.99 12.47
N ARG A 74 18.97 48.84 13.12
CA ARG A 74 19.69 47.74 12.48
C ARG A 74 19.06 47.35 11.16
N PHE A 75 19.89 47.04 10.15
CA PHE A 75 19.46 46.52 8.88
C PHE A 75 18.53 47.44 8.10
N THR A 76 18.77 48.75 8.19
CA THR A 76 17.93 49.69 7.45
C THR A 76 18.75 50.43 6.37
N ASP A 77 19.95 49.95 6.11
CA ASP A 77 20.80 50.63 5.10
C ASP A 77 21.43 49.52 4.30
N SER A 78 21.06 49.39 3.02
CA SER A 78 21.59 48.27 2.26
C SER A 78 23.09 48.34 2.13
N ALA A 79 23.69 49.53 1.91
CA ALA A 79 25.16 49.52 1.75
C ALA A 79 25.90 49.15 3.00
N ARG A 80 25.34 49.53 4.18
CA ARG A 80 26.06 49.22 5.43
C ARG A 80 26.10 47.72 5.67
N VAL A 81 25.05 46.98 5.37
CA VAL A 81 25.07 45.53 5.53
C VAL A 81 26.12 44.93 4.59
N GLU A 82 26.12 45.40 3.32
CA GLU A 82 27.08 44.89 2.37
C GLU A 82 28.51 45.22 2.77
N LYS A 83 28.71 46.46 3.24
CA LYS A 83 30.07 46.86 3.62
C LYS A 83 30.63 45.99 4.75
N TRP A 84 29.87 45.76 5.80
CA TRP A 84 30.38 44.96 6.92
C TRP A 84 30.46 43.50 6.52
N LEU A 85 29.37 42.94 5.99
CA LEU A 85 29.46 41.52 5.58
C LEU A 85 30.52 41.28 4.52
N GLY A 86 30.75 42.25 3.62
CA GLY A 86 31.79 42.11 2.63
C GLY A 86 33.15 41.95 3.33
N ARG A 87 33.35 42.52 4.50
CA ARG A 87 34.58 42.34 5.24
C ARG A 87 34.57 41.09 6.12
N ASN A 88 33.56 40.90 6.98
CA ASN A 88 33.65 39.81 7.94
C ASN A 88 33.18 38.46 7.45
N CYS A 89 32.46 38.31 6.33
CA CYS A 89 32.21 36.97 5.83
C CYS A 89 33.57 36.38 5.46
N ASN A 90 34.39 37.22 4.77
CA ASN A 90 35.74 36.76 4.45
C ASN A 90 36.53 36.45 5.72
N SER A 91 36.54 37.30 6.73
CA SER A 91 37.30 37.01 7.94
C SER A 91 36.88 35.74 8.67
N VAL A 92 35.60 35.42 8.73
CA VAL A 92 35.11 34.23 9.44
C VAL A 92 35.07 32.97 8.60
N ILE A 93 34.46 33.06 7.43
CA ILE A 93 34.28 31.89 6.58
C ILE A 93 35.41 31.71 5.58
N GLY A 94 36.09 32.78 5.22
CA GLY A 94 37.16 32.69 4.24
C GLY A 94 36.67 33.01 2.83
N ARG A 95 35.41 33.41 2.67
CA ARG A 95 34.88 33.76 1.36
C ARG A 95 33.70 34.72 1.56
N ASP A 96 33.20 35.33 0.48
CA ASP A 96 32.04 36.19 0.62
C ASP A 96 30.87 35.31 1.02
N CYS A 97 29.90 35.86 1.75
CA CYS A 97 28.71 35.08 2.03
C CYS A 97 27.88 35.05 0.75
N THR A 98 27.18 33.96 0.50
CA THR A 98 26.30 33.95 -0.68
C THR A 98 25.04 34.72 -0.34
N PRO A 99 24.25 35.06 -1.35
CA PRO A 99 22.98 35.76 -1.11
C PRO A 99 22.06 34.88 -0.27
N GLY A 100 22.11 33.55 -0.43
CA GLY A 100 21.25 32.72 0.44
C GLY A 100 21.71 32.81 1.90
N GLU A 101 23.03 32.80 2.14
CA GLU A 101 23.53 32.92 3.49
C GLU A 101 23.14 34.27 4.11
N LYS A 102 23.27 35.33 3.31
CA LYS A 102 22.86 36.66 3.81
C LYS A 102 21.36 36.70 4.10
N ALA A 103 20.57 36.08 3.23
CA ALA A 103 19.12 36.03 3.52
C ALA A 103 18.87 35.30 4.83
N ASP A 104 19.43 34.10 4.99
CA ASP A 104 19.22 33.33 6.22
C ASP A 104 19.72 34.06 7.46
N LEU A 105 20.94 34.60 7.41
CA LEU A 105 21.48 35.33 8.57
C LEU A 105 20.62 36.50 8.98
N LEU A 106 20.24 37.35 8.00
CA LEU A 106 19.42 38.50 8.35
C LEU A 106 18.03 38.09 8.83
N ALA A 107 17.46 37.04 8.22
CA ALA A 107 16.16 36.59 8.73
C ALA A 107 16.23 36.22 10.16
N TRP A 108 17.22 35.51 10.66
CA TRP A 108 17.37 35.19 12.07
C TRP A 108 17.65 36.42 12.90
N LEU A 109 18.64 37.24 12.53
CA LEU A 109 19.05 38.42 13.25
C LEU A 109 17.92 39.43 13.38
N ALA A 110 17.16 39.59 12.29
CA ALA A 110 16.07 40.59 12.34
C ALA A 110 14.92 40.29 13.34
N ALA A 111 14.78 39.02 13.69
CA ALA A 111 13.78 38.66 14.69
C ALA A 111 14.34 38.74 15.92
N GLN A 112 15.53 39.13 16.36
CA GLN A 112 15.97 39.09 17.74
C GLN A 112 15.69 40.38 18.48
CA GLY B 1 -5.52 -45.06 -18.86
C GLY B 1 -6.15 -44.11 -19.88
N ASP B 2 -6.46 -44.76 -21.06
CA ASP B 2 -7.22 -43.89 -21.94
C ASP B 2 -8.67 -44.35 -21.55
N THR B 3 -9.44 -43.23 -21.30
CA THR B 3 -10.77 -43.39 -20.66
C THR B 3 -11.69 -42.25 -21.13
N SER B 4 -12.87 -42.23 -20.54
CA SER B 4 -13.83 -41.18 -20.93
C SER B 4 -14.57 -40.88 -19.65
N PRO B 5 -15.26 -39.75 -19.62
CA PRO B 5 -16.01 -39.38 -18.43
C PRO B 5 -16.92 -40.49 -17.96
N ALA B 6 -17.71 -41.10 -18.88
CA ALA B 6 -18.61 -42.15 -18.42
C ALA B 6 -17.95 -43.39 -17.72
N GLN B 7 -16.78 -43.73 -18.23
CA GLN B 7 -16.07 -44.90 -17.70
C GLN B 7 -15.52 -44.58 -16.33
N LEU B 8 -14.97 -43.36 -16.23
CA LEU B 8 -14.45 -42.95 -14.90
C LEU B 8 -15.52 -42.94 -13.84
N ILE B 9 -16.69 -42.35 -14.19
CA ILE B 9 -17.78 -42.25 -13.23
C ILE B 9 -18.24 -43.64 -12.78
N ALA B 10 -18.44 -44.52 -13.76
CA ALA B 10 -18.87 -45.90 -13.44
C ALA B 10 -17.92 -46.56 -12.53
N GLY B 11 -16.61 -46.42 -12.70
CA GLY B 11 -15.62 -47.03 -11.81
C GLY B 11 -15.70 -46.47 -10.40
N TYR B 12 -15.84 -45.14 -10.24
CA TYR B 12 -15.93 -44.55 -8.94
C TYR B 12 -17.22 -44.98 -8.25
N GLU B 13 -18.33 -45.05 -8.98
CA GLU B 13 -19.58 -45.51 -8.39
C GLU B 13 -19.46 -46.94 -7.86
N ALA B 14 -18.79 -47.79 -8.63
CA ALA B 14 -18.59 -49.17 -8.19
C ALA B 14 -17.81 -49.23 -6.88
N ALA B 15 -16.75 -48.43 -6.73
CA ALA B 15 -15.99 -48.42 -5.49
C ALA B 15 -16.79 -47.79 -4.50
N ALA B 16 -17.63 -46.77 -4.70
CA ALA B 16 -18.40 -46.13 -3.66
C ALA B 16 -19.57 -46.93 -3.26
N GLY B 17 -20.08 -47.86 -4.07
CA GLY B 17 -21.28 -48.64 -3.73
C GLY B 17 -22.58 -47.91 -3.90
N ALA B 18 -22.60 -46.81 -4.69
CA ALA B 18 -23.80 -46.02 -4.89
C ALA B 18 -23.62 -45.17 -6.17
N PRO B 19 -24.75 -44.88 -6.82
CA PRO B 19 -24.77 -44.06 -8.00
C PRO B 19 -24.26 -42.66 -7.65
N ALA B 20 -23.69 -42.02 -8.66
CA ALA B 20 -23.21 -40.66 -8.48
C ALA B 20 -24.40 -39.71 -8.34
N ASP B 21 -24.16 -38.68 -7.54
CA ASP B 21 -25.15 -37.63 -7.33
C ASP B 21 -24.53 -36.28 -7.73
N ALA B 22 -24.88 -35.77 -8.90
CA ALA B 22 -24.32 -34.46 -9.32
C ALA B 22 -24.70 -33.36 -8.46
N GLU B 23 -25.85 -33.35 -7.78
CA GLU B 23 -26.17 -32.24 -6.88
C GLU B 23 -25.21 -32.20 -5.71
N ARG B 24 -24.83 -33.37 -5.18
CA ARG B 24 -23.83 -33.39 -4.12
C ARG B 24 -22.45 -33.03 -4.68
N GLY B 25 -22.21 -33.37 -5.96
CA GLY B 25 -20.89 -33.02 -6.51
C GLY B 25 -20.83 -31.48 -6.64
N ARG B 26 -21.91 -30.89 -7.15
CA ARG B 26 -21.90 -29.42 -7.24
C ARG B 26 -21.68 -28.76 -5.89
N ALA B 27 -22.37 -29.25 -4.85
CA ALA B 27 -22.25 -28.64 -3.51
C ALA B 27 -20.93 -28.83 -3.00
N LEU B 28 -20.19 -29.92 -3.17
CA LEU B 28 -18.84 -30.04 -2.64
C LEU B 28 -17.90 -29.13 -3.44
N PHE B 29 -18.05 -29.11 -4.75
CA PHE B 29 -17.16 -28.28 -5.61
C PHE B 29 -17.22 -26.82 -5.20
N LEU B 30 -18.40 -26.26 -4.99
CA LEU B 30 -18.58 -24.87 -4.61
C LEU B 30 -18.35 -24.61 -3.13
N SER B 31 -18.20 -25.60 -2.29
CA SER B 31 -18.11 -25.44 -0.86
C SER B 31 -16.85 -24.75 -0.39
N THR B 32 -16.98 -24.17 0.81
CA THR B 32 -15.84 -23.55 1.48
C THR B 32 -15.40 -24.56 2.55
N GLN B 33 -14.15 -24.96 2.51
CA GLN B 33 -13.64 -25.99 3.42
C GLN B 33 -12.66 -25.38 4.42
N THR B 34 -12.57 -25.94 5.62
CA THR B 34 -11.63 -25.41 6.60
C THR B 34 -10.47 -26.34 6.89
N GLY B 35 -10.47 -27.58 6.42
CA GLY B 35 -9.42 -28.50 6.73
C GLY B 35 -8.11 -28.61 5.99
N GLY B 36 -7.87 -27.90 4.90
CA GLY B 36 -6.58 -28.11 4.21
C GLY B 36 -5.75 -26.84 4.31
N LYS B 37 -5.13 -26.47 3.21
CA LYS B 37 -4.33 -25.25 3.20
C LYS B 37 -5.29 -24.08 3.37
N PRO B 38 -4.88 -23.08 4.15
CA PRO B 38 -5.70 -21.90 4.41
C PRO B 38 -5.92 -21.09 3.14
N ASP B 39 -4.94 -21.10 2.22
CA ASP B 39 -5.08 -20.33 1.00
C ASP B 39 -5.82 -21.06 -0.12
N THR B 40 -6.40 -22.25 0.10
CA THR B 40 -7.18 -22.88 -0.97
C THR B 40 -8.45 -23.40 -0.30
N PRO B 41 -9.39 -22.53 0.03
CA PRO B 41 -10.60 -22.90 0.71
C PRO B 41 -11.68 -23.58 -0.14
N SER B 42 -11.49 -23.66 -1.46
CA SER B 42 -12.55 -24.26 -2.29
C SER B 42 -11.92 -24.75 -3.57
N CYS B 43 -12.64 -25.64 -4.28
CA CYS B 43 -12.19 -26.05 -5.61
C CYS B 43 -12.29 -24.83 -6.55
N THR B 44 -13.19 -23.91 -6.22
CA THR B 44 -13.35 -22.73 -7.07
C THR B 44 -12.15 -21.79 -6.98
N THR B 45 -11.31 -21.94 -5.94
CA THR B 45 -10.13 -21.06 -5.85
C THR B 45 -9.37 -21.06 -7.16
N CYS B 46 -9.15 -22.21 -7.79
CA CYS B 46 -8.49 -22.24 -9.08
C CYS B 46 -9.43 -22.45 -10.27
N HIS B 47 -10.54 -23.15 -10.13
CA HIS B 47 -11.33 -23.39 -11.34
C HIS B 47 -12.47 -22.40 -11.57
N GLY B 48 -12.77 -21.58 -10.58
CA GLY B 48 -13.91 -20.65 -10.69
C GLY B 48 -15.17 -21.44 -10.33
N ALA B 49 -16.27 -20.70 -10.18
CA ALA B 49 -17.56 -21.33 -9.93
C ALA B 49 -18.15 -21.63 -11.24
N ASP B 50 -17.92 -20.98 -12.37
CA ASP B 50 -18.50 -21.37 -13.65
C ASP B 50 -17.45 -22.19 -14.40
N VAL B 51 -17.58 -23.52 -14.46
CA VAL B 51 -16.52 -24.33 -15.07
C VAL B 51 -16.56 -24.33 -16.58
N THR B 52 -17.43 -23.55 -17.25
CA THR B 52 -17.35 -23.41 -18.70
C THR B 52 -16.40 -22.25 -19.05
N ARG B 53 -15.89 -21.55 -18.04
CA ARG B 53 -14.92 -20.48 -18.26
C ARG B 53 -13.59 -20.98 -17.73
N ALA B 54 -12.50 -20.38 -18.17
CA ALA B 54 -11.20 -20.77 -17.70
C ALA B 54 -10.97 -20.44 -16.23
N GLY B 55 -10.16 -21.22 -15.56
CA GLY B 55 -9.72 -20.93 -14.20
C GLY B 55 -8.32 -20.31 -14.26
N GLN B 56 -7.67 -20.25 -13.10
CA GLN B 56 -6.34 -19.68 -13.00
C GLN B 56 -5.59 -20.23 -11.80
N THR B 57 -4.27 -20.38 -11.96
CA THR B 57 -3.45 -20.80 -10.83
C THR B 57 -3.20 -19.63 -9.91
N ARG B 58 -2.46 -19.80 -8.82
CA ARG B 58 -2.13 -18.71 -7.92
C ARG B 58 -1.32 -17.87 -8.55
N THR B 59 -0.53 -18.03 -9.61
CA THR B 59 0.28 -17.01 -10.24
C THR B 59 -0.44 -16.33 -11.40
N GLY B 60 -1.70 -16.71 -11.66
CA GLY B 60 -2.43 -16.03 -12.73
C GLY B 60 -2.35 -16.78 -14.06
N LYS B 61 -1.71 -17.94 -14.04
CA LYS B 61 -1.56 -18.77 -15.20
C LYS B 61 -3.09 -19.65 -15.47
N GLU B 62 -2.95 -19.86 -16.77
CA GLU B 62 -3.83 -20.64 -17.55
C GLU B 62 -4.55 -21.88 -17.06
N ILE B 63 -5.86 -21.89 -16.75
CA ILE B 63 -6.39 -23.26 -16.54
C ILE B 63 -7.57 -23.41 -17.52
N ALA B 64 -7.46 -24.32 -18.50
CA ALA B 64 -8.60 -24.47 -19.43
C ALA B 64 -9.90 -24.88 -18.60
N PRO B 65 -11.06 -24.51 -19.13
CA PRO B 65 -12.31 -24.82 -18.48
C PRO B 65 -12.44 -26.29 -18.09
N LEU B 66 -13.07 -26.62 -16.96
CA LEU B 66 -13.23 -28.02 -16.58
C LEU B 66 -14.36 -28.72 -17.31
N ALA B 67 -15.35 -27.98 -17.79
CA ALA B 67 -16.46 -28.61 -18.49
C ALA B 67 -16.06 -29.18 -19.80
N PRO B 68 -16.43 -30.41 -20.11
CA PRO B 68 -16.14 -31.09 -21.37
C PRO B 68 -16.80 -30.42 -22.56
N SER B 69 -17.89 -29.67 -22.40
CA SER B 69 -18.50 -28.95 -23.50
C SER B 69 -17.56 -27.85 -24.01
N ALA B 70 -16.68 -27.35 -23.15
CA ALA B 70 -15.70 -26.35 -23.51
C ALA B 70 -14.35 -26.90 -23.83
N THR B 71 -13.94 -28.01 -23.22
CA THR B 71 -12.64 -28.64 -23.39
C THR B 71 -12.90 -30.13 -23.57
N PRO B 72 -13.04 -30.55 -24.82
CA PRO B 72 -13.51 -31.88 -25.13
C PRO B 72 -12.65 -33.01 -24.61
N ASP B 73 -11.36 -32.82 -24.32
CA ASP B 73 -10.58 -33.97 -23.80
C ASP B 73 -10.55 -34.01 -22.28
N ARG B 74 -11.40 -33.26 -21.57
CA ARG B 74 -11.44 -33.42 -20.11
C ARG B 74 -11.83 -34.84 -19.73
N PHE B 75 -11.24 -35.30 -18.61
CA PHE B 75 -11.54 -36.57 -17.97
C PHE B 75 -11.34 -37.78 -18.88
N THR B 76 -10.27 -37.74 -19.67
CA THR B 76 -10.01 -38.81 -20.63
C THR B 76 -8.72 -39.53 -20.25
N ASP B 77 -8.10 -39.15 -19.15
CA ASP B 77 -6.87 -39.83 -18.70
C ASP B 77 -7.00 -40.15 -17.24
N SER B 78 -7.10 -41.44 -16.88
CA SER B 78 -7.33 -41.87 -15.52
C SER B 78 -6.24 -41.47 -14.54
N ALA B 79 -5.01 -41.57 -14.99
CA ALA B 79 -3.85 -41.21 -14.17
C ALA B 79 -3.86 -39.67 -13.82
N ARG B 80 -4.14 -38.91 -14.87
CA ARG B 80 -4.24 -37.46 -14.74
C ARG B 80 -5.28 -37.05 -13.72
N VAL B 81 -6.49 -37.61 -13.80
CA VAL B 81 -7.52 -37.30 -12.83
C VAL B 81 -7.13 -37.64 -11.41
N GLU B 82 -6.55 -38.82 -11.18
CA GLU B 82 -6.16 -39.23 -9.83
C GLU B 82 -5.01 -38.40 -9.26
N LYS B 83 -4.08 -38.04 -10.11
CA LYS B 83 -2.92 -37.23 -9.72
C LYS B 83 -3.40 -35.87 -9.17
N TRP B 84 -4.23 -35.22 -9.99
CA TRP B 84 -4.72 -33.90 -9.58
C TRP B 84 -5.59 -33.97 -8.36
N LEU B 85 -6.62 -34.82 -8.37
CA LEU B 85 -7.47 -34.94 -7.20
C LEU B 85 -6.70 -35.42 -5.98
N GLY B 86 -5.68 -36.26 -6.16
CA GLY B 86 -4.87 -36.67 -5.00
C GLY B 86 -4.25 -35.39 -4.41
N ARG B 87 -3.76 -34.46 -5.21
CA ARG B 87 -3.18 -33.24 -4.67
C ARG B 87 -4.20 -32.27 -4.08
N ASN B 88 -5.21 -31.90 -4.86
CA ASN B 88 -6.12 -30.83 -4.40
C ASN B 88 -7.26 -31.24 -3.53
N CYS B 89 -7.64 -32.53 -3.43
CA CYS B 89 -8.61 -32.87 -2.39
C CYS B 89 -7.88 -32.60 -1.07
N ASN B 90 -6.61 -33.01 -0.99
CA ASN B 90 -5.85 -32.78 0.26
C ASN B 90 -5.72 -31.30 0.57
N SER B 91 -5.36 -30.50 -0.43
CA SER B 91 -5.23 -29.06 -0.22
C SER B 91 -6.50 -28.36 0.14
N VAL B 92 -7.65 -28.74 -0.46
CA VAL B 92 -8.91 -28.10 -0.14
C VAL B 92 -9.61 -28.69 1.06
N ILE B 93 -9.84 -29.99 1.07
CA ILE B 93 -10.57 -30.64 2.14
C ILE B 93 -9.66 -31.11 3.27
N GLY B 94 -8.38 -31.36 3.01
CA GLY B 94 -7.49 -31.79 4.09
C GLY B 94 -7.36 -33.31 4.15
N ARG B 95 -7.83 -34.03 3.14
CA ARG B 95 -7.73 -35.47 3.05
C ARG B 95 -8.07 -35.88 1.60
N ASP B 96 -7.79 -37.13 1.25
CA ASP B 96 -8.16 -37.62 -0.06
C ASP B 96 -9.68 -37.59 -0.23
N CYS B 97 -10.14 -37.37 -1.47
CA CYS B 97 -11.58 -37.43 -1.69
C CYS B 97 -12.02 -38.91 -1.65
N THR B 98 -13.20 -39.20 -1.18
CA THR B 98 -13.64 -40.62 -1.24
C THR B 98 -14.04 -40.92 -2.68
N PRO B 99 -14.22 -42.21 -2.99
CA PRO B 99 -14.71 -42.65 -4.28
C PRO B 99 -16.07 -42.07 -4.55
N GLY B 100 -16.97 -42.01 -3.58
CA GLY B 100 -18.28 -41.42 -3.71
C GLY B 100 -18.19 -39.93 -4.07
N GLU B 101 -17.28 -39.22 -3.40
CA GLU B 101 -17.05 -37.81 -3.73
C GLU B 101 -16.53 -37.61 -5.14
N LYS B 102 -15.60 -38.44 -5.63
CA LYS B 102 -15.10 -38.33 -6.98
C LYS B 102 -16.20 -38.63 -8.00
N ALA B 103 -17.02 -39.63 -7.68
CA ALA B 103 -18.12 -40.00 -8.54
C ALA B 103 -19.08 -38.75 -8.66
N ASP B 104 -19.44 -38.22 -7.49
CA ASP B 104 -20.35 -37.09 -7.45
C ASP B 104 -19.76 -35.88 -8.19
N LEU B 105 -18.50 -35.57 -7.94
CA LEU B 105 -17.86 -34.42 -8.59
C LEU B 105 -17.80 -34.57 -10.10
N LEU B 106 -17.35 -35.71 -10.63
CA LEU B 106 -17.21 -35.88 -12.06
C LEU B 106 -18.58 -35.94 -12.74
N ALA B 107 -19.56 -36.50 -12.03
CA ALA B 107 -20.89 -36.56 -12.59
C ALA B 107 -21.37 -35.09 -12.84
N TRP B 108 -21.18 -34.21 -11.89
CA TRP B 108 -21.57 -32.81 -12.08
C TRP B 108 -20.74 -32.15 -13.16
N LEU B 109 -19.43 -32.20 -13.05
CA LEU B 109 -18.54 -31.55 -14.00
C LEU B 109 -18.74 -32.04 -15.42
N ALA B 110 -18.92 -33.36 -15.59
CA ALA B 110 -19.04 -33.89 -16.96
C ALA B 110 -20.30 -33.50 -17.64
N ALA B 111 -21.31 -33.00 -16.97
CA ALA B 111 -22.57 -32.61 -17.57
C ALA B 111 -22.50 -31.20 -17.88
N GLN B 112 -21.45 -30.45 -17.60
CA GLN B 112 -21.43 -29.03 -17.93
C GLN B 112 -20.88 -28.86 -19.35
N GLY C 1 -21.67 8.13 -4.40
CA GLY C 1 -20.77 7.84 -5.56
C GLY C 1 -21.55 7.41 -6.77
N ASP C 2 -20.98 6.55 -7.61
CA ASP C 2 -21.67 6.11 -8.83
C ASP C 2 -22.33 4.74 -8.67
N THR C 3 -22.11 4.10 -7.51
CA THR C 3 -22.65 2.73 -7.42
C THR C 3 -23.00 2.40 -5.99
N SER C 4 -23.19 1.10 -5.75
CA SER C 4 -23.53 0.61 -4.42
C SER C 4 -22.88 -0.77 -4.33
N PRO C 5 -22.81 -1.32 -3.12
CA PRO C 5 -22.26 -2.65 -2.93
C PRO C 5 -23.02 -3.64 -3.78
N ALA C 6 -24.37 -3.59 -3.77
CA ALA C 6 -25.12 -4.51 -4.64
C ALA C 6 -24.89 -4.33 -6.09
N GLN C 7 -24.79 -3.12 -6.64
CA GLN C 7 -24.53 -2.97 -8.07
C GLN C 7 -23.16 -3.50 -8.44
N LEU C 8 -22.17 -3.21 -7.59
CA LEU C 8 -20.83 -3.75 -7.85
C LEU C 8 -20.80 -5.27 -7.83
N ILE C 9 -21.40 -5.88 -6.80
CA ILE C 9 -21.45 -7.34 -6.74
C ILE C 9 -22.13 -7.93 -7.97
N ALA C 10 -23.32 -7.41 -8.32
CA ALA C 10 -24.01 -7.91 -9.51
C ALA C 10 -23.15 -7.80 -10.80
N GLY C 11 -22.38 -6.71 -10.92
CA GLY C 11 -21.54 -6.60 -12.12
C GLY C 11 -20.40 -7.64 -12.08
N TYR C 12 -19.86 -7.88 -10.87
CA TYR C 12 -18.80 -8.91 -10.84
C TYR C 12 -19.39 -10.26 -11.10
N GLU C 13 -20.55 -10.59 -10.48
CA GLU C 13 -21.20 -11.86 -10.73
C GLU C 13 -21.47 -12.08 -12.22
N ALA C 14 -21.81 -11.03 -12.97
CA ALA C 14 -22.10 -11.21 -14.40
C ALA C 14 -20.90 -11.53 -15.12
N ALA C 15 -19.73 -10.98 -14.83
CA ALA C 15 -18.47 -11.30 -15.48
C ALA C 15 -18.02 -12.68 -15.01
N ALA C 16 -18.37 -13.06 -13.77
CA ALA C 16 -17.91 -14.38 -13.31
C ALA C 16 -18.78 -15.40 -13.78
N GLY C 17 -20.05 -15.21 -14.15
CA GLY C 17 -20.94 -16.30 -14.55
C GLY C 17 -21.50 -17.04 -13.34
N ALA C 18 -21.45 -16.50 -12.11
CA ALA C 18 -22.00 -17.22 -10.96
C ALA C 18 -22.31 -16.29 -9.90
N PRO C 19 -23.19 -16.58 -8.95
CA PRO C 19 -23.53 -15.72 -7.85
C PRO C 19 -22.44 -15.65 -6.79
N ALA C 20 -22.44 -14.56 -6.04
CA ALA C 20 -21.42 -14.46 -4.97
C ALA C 20 -21.63 -15.31 -3.87
N ASP C 21 -20.66 -15.76 -3.07
CA ASP C 21 -20.86 -16.59 -1.88
C ASP C 21 -20.12 -15.90 -0.75
N ALA C 22 -20.79 -15.31 0.23
CA ALA C 22 -20.08 -14.60 1.30
C ALA C 22 -19.27 -15.50 2.19
N GLU C 23 -19.61 -16.78 2.28
CA GLU C 23 -18.85 -17.74 3.07
C GLU C 23 -17.46 -17.90 2.45
N ARG C 24 -17.45 -18.01 1.11
CA ARG C 24 -16.18 -18.10 0.41
C ARG C 24 -15.42 -16.76 0.55
N GLY C 25 -16.13 -15.64 0.49
CA GLY C 25 -15.47 -14.34 0.60
C GLY C 25 -14.81 -14.21 1.99
N ARG C 26 -15.53 -14.59 3.03
CA ARG C 26 -14.90 -14.50 4.38
C ARG C 26 -13.63 -15.32 4.45
N ALA C 27 -13.68 -16.56 3.97
CA ALA C 27 -12.54 -17.47 4.01
C ALA C 27 -11.44 -16.88 3.25
N LEU C 28 -11.62 -16.28 2.07
CA LEU C 28 -10.55 -15.67 1.33
C LEU C 28 -9.98 -14.44 2.06
N PHE C 29 -10.87 -13.59 2.58
CA PHE C 29 -10.40 -12.39 3.26
C PHE C 29 -9.53 -12.79 4.48
N LEU C 30 -9.99 -13.76 5.26
CA LEU C 30 -9.24 -14.13 6.47
C LEU C 30 -8.04 -15.03 6.20
N SER C 31 -7.91 -15.63 5.03
CA SER C 31 -6.82 -16.56 4.79
C SER C 31 -5.43 -15.92 4.86
N THR C 32 -4.48 -16.81 5.17
CA THR C 32 -3.06 -16.50 5.10
C THR C 32 -2.63 -17.04 3.73
N GLN C 33 -2.15 -16.17 2.86
CA GLN C 33 -1.73 -16.55 1.51
C GLN C 33 -0.21 -16.68 1.46
N THR C 34 0.28 -17.61 0.66
CA THR C 34 1.71 -17.78 0.52
C THR C 34 2.27 -17.27 -0.80
N GLY C 35 1.47 -16.83 -1.77
CA GLY C 35 1.98 -16.37 -3.02
C GLY C 35 2.15 -14.91 -3.35
N GLY C 36 1.93 -13.95 -2.46
CA GLY C 36 2.13 -12.57 -2.98
C GLY C 36 3.44 -12.04 -2.36
N LYS C 37 3.35 -10.81 -1.93
CA LYS C 37 4.47 -10.16 -1.26
C LYS C 37 4.50 -10.65 0.18
N PRO C 38 5.72 -10.75 0.71
CA PRO C 38 5.90 -11.23 2.06
C PRO C 38 5.34 -10.36 3.16
N ASP C 39 5.31 -9.04 2.98
CA ASP C 39 4.81 -8.17 4.03
C ASP C 39 3.31 -8.08 4.02
N THR C 40 2.62 -8.76 3.08
CA THR C 40 1.17 -8.73 3.16
C THR C 40 0.62 -10.15 2.98
N PRO C 41 0.65 -10.99 4.00
CA PRO C 41 0.16 -12.35 3.92
C PRO C 41 -1.36 -12.47 3.81
N SER C 42 -2.11 -11.45 4.15
CA SER C 42 -3.58 -11.58 4.13
C SER C 42 -4.21 -10.23 3.93
N CYS C 43 -5.49 -10.20 3.56
CA CYS C 43 -6.22 -8.92 3.57
C CYS C 43 -6.22 -8.33 4.99
N THR C 44 -6.21 -9.20 5.99
CA THR C 44 -6.23 -8.90 7.43
C THR C 44 -4.98 -8.16 7.89
N THR C 45 -3.90 -8.23 7.14
CA THR C 45 -2.65 -7.54 7.51
C THR C 45 -2.92 -6.05 7.63
N CYS C 46 -3.77 -5.51 6.75
CA CYS C 46 -4.08 -4.07 6.90
C CYS C 46 -5.46 -3.81 7.44
N HIS C 47 -6.45 -4.65 7.13
CA HIS C 47 -7.81 -4.35 7.56
C HIS C 47 -8.19 -5.04 8.86
N GLY C 48 -7.36 -5.95 9.38
CA GLY C 48 -7.71 -6.64 10.61
C GLY C 48 -8.65 -7.80 10.33
N ALA C 49 -8.94 -8.60 11.34
CA ALA C 49 -9.87 -9.72 11.21
C ALA C 49 -11.30 -9.27 11.55
N ASP C 50 -11.42 -8.12 12.19
CA ASP C 50 -12.76 -7.58 12.49
C ASP C 50 -12.84 -6.29 11.69
N VAL C 51 -13.61 -6.34 10.58
CA VAL C 51 -13.65 -5.16 9.71
C VAL C 51 -14.51 -4.02 10.21
N THR C 52 -15.10 -4.16 11.40
CA THR C 52 -15.79 -3.04 12.04
C THR C 52 -14.80 -2.18 12.81
N ARG C 53 -13.54 -2.60 12.92
CA ARG C 53 -12.54 -1.82 13.62
C ARG C 53 -11.61 -1.23 12.58
N ALA C 54 -10.89 -0.19 12.97
CA ALA C 54 -10.01 0.51 12.08
C ALA C 54 -8.86 -0.45 11.74
N GLY C 55 -8.33 -0.27 10.54
CA GLY C 55 -7.18 -1.10 10.14
C GLY C 55 -5.99 -0.14 10.07
N GLN C 56 -4.97 -0.59 9.35
CA GLN C 56 -3.88 0.33 9.13
C GLN C 56 -2.92 -0.15 8.07
N THR C 57 -2.24 0.85 7.54
CA THR C 57 -1.30 0.57 6.46
C THR C 57 -0.08 -0.10 7.11
N ARG C 58 0.85 -0.49 6.26
CA ARG C 58 2.07 -1.12 6.67
C ARG C 58 2.92 -0.23 7.58
N THR C 59 2.80 1.08 7.43
CA THR C 59 3.57 2.00 8.27
C THR C 59 2.80 2.42 9.51
N GLY C 60 1.61 1.88 9.73
CA GLY C 60 0.82 2.15 10.89
C GLY C 60 -0.17 3.29 10.75
N LYS C 61 -0.39 3.86 9.57
CA LYS C 61 -1.38 4.93 9.43
C LYS C 61 -2.79 4.25 9.42
N GLU C 62 -3.73 4.88 10.11
CA GLU C 62 -5.08 4.37 10.28
C GLU C 62 -5.83 4.28 8.94
N ILE C 63 -6.64 3.25 8.82
CA ILE C 63 -7.47 3.01 7.65
C ILE C 63 -8.88 2.89 8.24
N ALA C 64 -9.87 3.63 7.78
CA ALA C 64 -11.21 3.50 8.29
C ALA C 64 -11.68 2.06 8.11
N PRO C 65 -12.52 1.60 9.02
CA PRO C 65 -13.08 0.27 8.96
C PRO C 65 -13.68 -0.01 7.59
N LEU C 66 -13.54 -1.25 7.13
CA LEU C 66 -14.13 -1.64 5.85
C LEU C 66 -15.62 -1.90 5.94
N ALA C 67 -16.14 -2.23 7.12
CA ALA C 67 -17.55 -2.52 7.22
C ALA C 67 -18.39 -1.33 6.96
N PRO C 68 -19.41 -1.42 6.12
CA PRO C 68 -20.32 -0.33 5.84
C PRO C 68 -21.07 0.08 7.11
N SER C 69 -21.30 -0.82 8.05
CA SER C 69 -21.95 -0.45 9.31
C SER C 69 -21.13 0.60 10.07
N ALA C 70 -19.82 0.66 9.86
CA ALA C 70 -18.96 1.61 10.53
C ALA C 70 -18.54 2.64 9.67
N THR C 71 -18.39 2.55 8.35
CA THR C 71 -17.95 3.58 7.42
C THR C 71 -18.95 3.57 6.27
N PRO C 72 -19.96 4.45 6.36
CA PRO C 72 -21.08 4.48 5.45
C PRO C 72 -20.89 4.53 3.97
N ASP C 73 -19.88 5.20 3.44
CA ASP C 73 -19.73 5.28 1.99
C ASP C 73 -18.88 4.17 1.38
N ARG C 74 -18.61 3.11 2.13
CA ARG C 74 -17.78 2.04 1.57
C ARG C 74 -18.47 1.48 0.33
N PHE C 75 -17.70 1.11 -0.68
CA PHE C 75 -18.15 0.43 -1.86
C PHE C 75 -19.19 1.21 -2.66
N THR C 76 -19.07 2.54 -2.69
CA THR C 76 -19.99 3.38 -3.47
C THR C 76 -19.26 4.04 -4.62
N ASP C 77 -17.98 3.73 -4.80
CA ASP C 77 -17.21 4.39 -5.87
C ASP C 77 -16.55 3.30 -6.68
N SER C 78 -17.02 3.01 -7.91
CA SER C 78 -16.43 1.90 -8.64
C SER C 78 -14.92 2.05 -8.83
N ALA C 79 -14.51 3.27 -9.20
CA ALA C 79 -13.09 3.50 -9.42
C ALA C 79 -12.16 3.17 -8.21
N ARG C 80 -12.63 3.59 -7.06
CA ARG C 80 -11.90 3.36 -5.83
C ARG C 80 -11.76 1.88 -5.54
N VAL C 81 -12.81 1.10 -5.73
CA VAL C 81 -12.75 -0.34 -5.46
C VAL C 81 -11.74 -0.98 -6.40
N GLU C 82 -11.82 -0.62 -7.69
CA GLU C 82 -10.92 -1.25 -8.67
C GLU C 82 -9.46 -0.81 -8.49
N LYS C 83 -9.27 0.44 -8.14
CA LYS C 83 -7.91 0.98 -7.91
C LYS C 83 -7.24 0.18 -6.77
N TRP C 84 -7.90 0.04 -5.64
CA TRP C 84 -7.26 -0.64 -4.51
C TRP C 84 -7.11 -2.13 -4.70
N LEU C 85 -8.18 -2.84 -5.12
CA LEU C 85 -8.08 -4.28 -5.36
C LEU C 85 -7.07 -4.58 -6.43
N GLY C 86 -6.98 -3.69 -7.43
CA GLY C 86 -6.03 -3.84 -8.50
C GLY C 86 -4.58 -3.78 -7.95
N ARG C 87 -4.35 -3.15 -6.83
CA ARG C 87 -3.04 -3.16 -6.20
C ARG C 87 -2.87 -4.34 -5.23
N ASN C 88 -3.79 -4.51 -4.29
CA ASN C 88 -3.60 -5.43 -3.18
C ASN C 88 -3.95 -6.88 -3.39
N CYS C 89 -4.82 -7.17 -4.40
CA CYS C 89 -5.02 -8.61 -4.68
C CYS C 89 -3.69 -9.21 -5.09
N ASN C 90 -2.99 -8.53 -6.00
CA ASN C 90 -1.69 -9.01 -6.45
C ASN C 90 -0.69 -9.12 -5.29
N SER C 91 -0.67 -8.15 -4.40
CA SER C 91 0.29 -8.26 -3.26
C SER C 91 -0.06 -9.38 -2.31
N VAL C 92 -1.36 -9.63 -2.06
CA VAL C 92 -1.77 -10.67 -1.12
C VAL C 92 -1.73 -12.07 -1.71
N ILE C 93 -2.44 -12.28 -2.82
CA ILE C 93 -2.60 -13.58 -3.41
C ILE C 93 -1.54 -13.86 -4.48
N GLY C 94 -1.04 -12.85 -5.18
CA GLY C 94 -0.05 -13.21 -6.21
C GLY C 94 -0.65 -13.00 -7.59
N ARG C 95 -1.90 -12.55 -7.67
CA ARG C 95 -2.52 -12.31 -8.97
C ARG C 95 -3.71 -11.38 -8.75
N ASP C 96 -4.30 -10.84 -9.81
CA ASP C 96 -5.51 -10.05 -9.60
C ASP C 96 -6.61 -10.95 -9.04
N CYS C 97 -7.55 -10.36 -8.32
CA CYS C 97 -8.70 -11.13 -7.87
C CYS C 97 -9.62 -11.32 -9.10
N THR C 98 -10.21 -12.48 -9.25
CA THR C 98 -11.12 -12.67 -10.38
C THR C 98 -12.42 -11.96 -10.06
N PRO C 99 -13.29 -11.74 -11.06
CA PRO C 99 -14.60 -11.16 -10.81
C PRO C 99 -15.35 -12.03 -9.79
N GLY C 100 -15.25 -13.34 -9.81
CA GLY C 100 -15.98 -14.14 -8.81
C GLY C 100 -15.48 -13.89 -7.39
N GLU C 101 -14.16 -13.74 -7.22
CA GLU C 101 -13.59 -13.49 -5.89
C GLU C 101 -13.99 -12.11 -5.43
N LYS C 102 -13.97 -11.14 -6.36
CA LYS C 102 -14.42 -9.81 -5.96
C LYS C 102 -15.88 -9.85 -5.50
N ALA C 103 -16.74 -10.54 -6.21
CA ALA C 103 -18.15 -10.63 -5.76
C ALA C 103 -18.26 -11.32 -4.34
N ASP C 104 -17.52 -12.44 -4.21
CA ASP C 104 -17.55 -13.13 -2.92
C ASP C 104 -17.08 -12.22 -1.77
N LEU C 105 -15.92 -11.57 -2.00
CA LEU C 105 -15.37 -10.71 -0.97
C LEU C 105 -16.31 -9.57 -0.58
N LEU C 106 -16.83 -8.88 -1.62
CA LEU C 106 -17.74 -7.79 -1.32
C LEU C 106 -19.03 -8.30 -0.70
N ALA C 107 -19.55 -9.42 -1.15
CA ALA C 107 -20.76 -9.93 -0.51
C ALA C 107 -20.55 -10.09 0.99
N TRP C 108 -19.40 -10.57 1.45
CA TRP C 108 -19.18 -10.70 2.89
C TRP C 108 -18.96 -9.36 3.56
N LEU C 109 -18.09 -8.53 2.98
CA LEU C 109 -17.76 -7.25 3.55
C LEU C 109 -18.95 -6.30 3.64
N ALA C 110 -19.83 -6.39 2.60
CA ALA C 110 -20.98 -5.47 2.60
C ALA C 110 -21.99 -5.80 3.65
N ALA C 111 -21.98 -7.00 4.21
CA ALA C 111 -22.90 -7.34 5.26
C ALA C 111 -22.37 -7.03 6.62
N GLN C 112 -21.18 -6.50 6.77
CA GLN C 112 -20.62 -6.25 8.10
C GLN C 112 -21.06 -4.90 8.65
#